data_4GVJ
#
_entry.id   4GVJ
#
_cell.length_a   36.326
_cell.length_b   74.051
_cell.length_c   105.321
_cell.angle_alpha   90.00
_cell.angle_beta   90.00
_cell.angle_gamma   90.00
#
_symmetry.space_group_name_H-M   'P 21 21 21'
#
loop_
_entity.id
_entity.type
_entity.pdbx_description
1 polymer 'Non-receptor tyrosine-protein kinase TYK2'
2 non-polymer "ADENOSINE-5'-DIPHOSPHATE"
3 non-polymer 'MAGNESIUM ION'
4 water water
#
_entity_poly.entity_id   1
_entity_poly.type   'polypeptide(L)'
_entity_poly.pdbx_seq_one_letter_code
;MGSPASDPTVFHKRYLKKIRDLGEGHFGKVSLYCYDPTNDGTGEMVAVKALKADAGPQHRSGWKQEIDILRTLYHEHIIK
YKGCCEDAGAASLQLVMEYVPLGSLRDYLPRHSIGLAQLLLFAQQICEGMAYLHAQHYIHRDLAARNVLLDNDRLVKIGD
FGLAKAVPEGHEYYRVREDGDSPVFWYAPECLKEYKFYYASDVWSFGVTLYELLTHCDSSQSPPTKFLELIGIAQGQMTV
LRLTELLERGERLPRPDKCPAEVYHLMKNCWETEASFRPTFENLIPILKTVHEKYRHHHHHH
;
_entity_poly.pdbx_strand_id   A
#
loop_
_chem_comp.id
_chem_comp.type
_chem_comp.name
_chem_comp.formula
ADP non-polymer ADENOSINE-5'-DIPHOSPHATE 'C10 H15 N5 O10 P2'
MG non-polymer 'MAGNESIUM ION' 'Mg 2'
#
# COMPACT_ATOMS: atom_id res chain seq x y z
N PRO A 8 -11.13 5.24 19.31
CA PRO A 8 -12.18 5.65 20.26
C PRO A 8 -12.45 7.16 20.25
N THR A 9 -11.39 7.96 19.98
CA THR A 9 -11.45 9.42 19.95
C THR A 9 -12.47 9.97 18.96
N VAL A 10 -13.19 11.02 19.36
CA VAL A 10 -14.17 11.72 18.52
C VAL A 10 -13.68 13.15 18.24
N PHE A 11 -13.57 13.49 16.95
CA PHE A 11 -13.18 14.80 16.47
C PHE A 11 -14.45 15.52 16.07
N HIS A 12 -14.64 16.74 16.59
CA HIS A 12 -15.82 17.53 16.29
C HIS A 12 -15.60 18.28 14.99
N LYS A 13 -16.56 18.17 14.04
CA LYS A 13 -16.51 18.82 12.73
C LYS A 13 -16.38 20.34 12.90
N ARG A 14 -16.94 20.85 14.00
CA ARG A 14 -16.96 22.23 14.47
C ARG A 14 -15.58 22.92 14.44
N TYR A 15 -14.51 22.18 14.80
CA TYR A 15 -13.15 22.73 14.86
C TYR A 15 -12.22 22.29 13.71
N LEU A 16 -12.76 21.59 12.70
CA LEU A 16 -11.98 21.11 11.55
C LEU A 16 -11.97 22.18 10.47
N LYS A 17 -10.77 22.62 10.05
CA LYS A 17 -10.58 23.62 9.00
C LYS A 17 -9.80 23.01 7.84
N LYS A 18 -10.44 22.87 6.68
CA LYS A 18 -9.84 22.33 5.47
C LYS A 18 -8.69 23.20 4.99
N ILE A 19 -7.55 22.57 4.66
CA ILE A 19 -6.37 23.26 4.16
C ILE A 19 -6.23 22.95 2.68
N ARG A 20 -6.18 21.65 2.34
CA ARG A 20 -6.04 21.18 0.96
C ARG A 20 -6.39 19.71 0.83
N ASP A 21 -6.60 19.25 -0.40
CA ASP A 21 -6.82 17.84 -0.67
C ASP A 21 -5.45 17.20 -0.75
N LEU A 22 -5.36 15.93 -0.42
CA LEU A 22 -4.10 15.21 -0.43
C LEU A 22 -4.19 14.03 -1.41
N GLY A 23 -5.41 13.51 -1.59
CA GLY A 23 -5.72 12.37 -2.43
C GLY A 23 -7.22 12.21 -2.63
N GLU A 24 -7.61 11.67 -3.81
CA GLU A 24 -9.00 11.46 -4.25
C GLU A 24 -9.12 10.07 -4.98
N GLY A 25 -10.22 9.74 -5.67
CA GLY A 25 -11.43 10.52 -5.93
C GLY A 25 -12.66 9.65 -5.84
N HIS A 26 -12.80 8.71 -6.78
CA HIS A 26 -13.90 7.75 -6.78
C HIS A 26 -13.33 6.47 -6.12
N PHE A 27 -13.75 6.12 -4.88
CA PHE A 27 -14.89 6.63 -4.10
C PHE A 27 -14.48 7.26 -2.75
N GLY A 28 -13.19 7.44 -2.54
CA GLY A 28 -12.63 8.03 -1.33
C GLY A 28 -11.90 9.33 -1.55
N LYS A 29 -11.67 10.08 -0.46
CA LYS A 29 -10.94 11.35 -0.52
C LYS A 29 -10.16 11.56 0.77
N VAL A 30 -8.89 11.94 0.65
CA VAL A 30 -8.02 12.25 1.78
C VAL A 30 -7.75 13.74 1.74
N SER A 31 -8.08 14.43 2.82
CA SER A 31 -7.86 15.86 2.90
C SER A 31 -7.04 16.26 4.12
N LEU A 32 -6.33 17.39 4.03
CA LEU A 32 -5.55 17.94 5.13
C LEU A 32 -6.40 18.97 5.83
N TYR A 33 -6.55 18.81 7.15
CA TYR A 33 -7.29 19.74 8.01
C TYR A 33 -6.43 20.18 9.16
N CYS A 34 -6.75 21.36 9.73
CA CYS A 34 -6.17 21.80 10.97
C CYS A 34 -7.33 21.64 11.96
N TYR A 35 -7.10 20.86 13.03
CA TYR A 35 -8.11 20.64 14.07
C TYR A 35 -7.78 21.63 15.19
N ASP A 36 -8.45 22.78 15.17
CA ASP A 36 -8.12 23.86 16.09
C ASP A 36 -9.26 24.28 17.07
N PRO A 37 -9.55 23.51 18.16
CA PRO A 37 -10.63 23.92 19.09
C PRO A 37 -10.46 25.28 19.77
N THR A 38 -9.20 25.68 20.08
CA THR A 38 -8.90 26.97 20.70
C THR A 38 -9.07 28.14 19.71
N ASN A 39 -9.09 27.84 18.38
CA ASN A 39 -9.25 28.81 17.29
C ASN A 39 -8.11 29.86 17.25
N ASP A 40 -6.90 29.47 17.72
CA ASP A 40 -5.71 30.33 17.75
C ASP A 40 -4.72 30.00 16.63
N GLY A 41 -4.65 28.72 16.25
CA GLY A 41 -3.80 28.21 15.19
C GLY A 41 -2.73 27.22 15.65
N THR A 42 -2.73 26.89 16.95
CA THR A 42 -1.80 25.93 17.56
C THR A 42 -2.27 24.49 17.33
N GLY A 43 -3.46 24.36 16.77
CA GLY A 43 -4.11 23.08 16.51
C GLY A 43 -3.33 22.14 15.62
N GLU A 44 -3.50 20.83 15.86
CA GLU A 44 -2.82 19.79 15.10
C GLU A 44 -3.30 19.72 13.68
N MET A 45 -2.39 19.34 12.80
CA MET A 45 -2.71 19.09 11.40
C MET A 45 -3.01 17.61 11.30
N VAL A 46 -4.15 17.26 10.68
CA VAL A 46 -4.59 15.87 10.51
C VAL A 46 -4.96 15.56 9.05
N ALA A 47 -4.83 14.27 8.67
CA ALA A 47 -5.24 13.74 7.39
C ALA A 47 -6.56 13.05 7.67
N VAL A 48 -7.59 13.48 6.96
CA VAL A 48 -8.95 12.97 7.16
C VAL A 48 -9.38 12.28 5.89
N LYS A 49 -9.75 10.99 5.98
CA LYS A 49 -10.20 10.19 4.84
C LYS A 49 -11.72 10.08 4.95
N ALA A 50 -12.40 10.37 3.84
CA ALA A 50 -13.86 10.38 3.85
C ALA A 50 -14.36 9.52 2.74
N LEU A 51 -15.51 8.90 3.00
CA LEU A 51 -16.24 8.06 2.07
C LEU A 51 -17.23 8.97 1.38
N LYS A 52 -17.18 9.03 0.05
CA LYS A 52 -18.12 9.84 -0.71
C LYS A 52 -19.58 9.40 -0.43
N ALA A 53 -20.48 10.38 -0.25
CA ALA A 53 -21.90 10.19 0.06
C ALA A 53 -22.64 9.31 -0.98
N ASP A 54 -22.15 9.32 -2.23
CA ASP A 54 -22.64 8.58 -3.40
C ASP A 54 -22.35 7.07 -3.35
N ALA A 55 -21.34 6.64 -2.56
CA ALA A 55 -20.91 5.24 -2.40
C ALA A 55 -22.03 4.26 -2.01
N GLY A 56 -22.02 3.10 -2.66
CA GLY A 56 -23.02 2.03 -2.46
C GLY A 56 -22.79 1.16 -1.24
N PRO A 57 -23.68 0.17 -0.97
CA PRO A 57 -23.52 -0.68 0.23
C PRO A 57 -22.20 -1.44 0.32
N GLN A 58 -21.71 -1.96 -0.82
CA GLN A 58 -20.46 -2.73 -0.93
C GLN A 58 -19.29 -1.89 -0.40
N HIS A 59 -19.13 -0.66 -0.93
CA HIS A 59 -18.07 0.27 -0.49
C HIS A 59 -18.31 0.79 0.92
N ARG A 60 -19.60 0.89 1.39
CA ARG A 60 -19.91 1.33 2.74
C ARG A 60 -19.52 0.26 3.78
N SER A 61 -19.83 -1.03 3.51
CA SER A 61 -19.44 -2.13 4.41
C SER A 61 -17.91 -2.30 4.42
N GLY A 62 -17.28 -2.08 3.26
CA GLY A 62 -15.82 -2.10 3.11
C GLY A 62 -15.17 -0.96 3.89
N TRP A 63 -15.75 0.24 3.83
CA TRP A 63 -15.26 1.43 4.56
C TRP A 63 -15.33 1.19 6.07
N LYS A 64 -16.44 0.59 6.54
CA LYS A 64 -16.61 0.23 7.96
C LYS A 64 -15.45 -0.71 8.37
N GLN A 65 -15.12 -1.69 7.51
CA GLN A 65 -14.04 -2.65 7.74
C GLN A 65 -12.67 -1.96 7.77
N GLU A 66 -12.42 -0.99 6.83
CA GLU A 66 -11.16 -0.24 6.78
C GLU A 66 -10.90 0.51 8.09
N ILE A 67 -11.94 1.21 8.60
CA ILE A 67 -11.84 1.96 9.87
C ILE A 67 -11.62 0.94 11.01
N ASP A 68 -12.42 -0.15 11.07
CA ASP A 68 -12.30 -1.18 12.12
C ASP A 68 -10.90 -1.78 12.16
N ILE A 69 -10.30 -2.09 11.00
CA ILE A 69 -8.95 -2.65 10.93
C ILE A 69 -7.90 -1.65 11.44
N LEU A 70 -7.88 -0.42 10.88
CA LEU A 70 -6.90 0.63 11.25
C LEU A 70 -6.95 0.99 12.74
N ARG A 71 -8.14 0.94 13.33
CA ARG A 71 -8.38 1.20 14.75
C ARG A 71 -7.66 0.16 15.63
N THR A 72 -7.63 -1.12 15.19
CA THR A 72 -6.97 -2.23 15.92
C THR A 72 -5.45 -2.32 15.69
N LEU A 73 -4.91 -1.65 14.68
CA LEU A 73 -3.48 -1.73 14.39
C LEU A 73 -2.68 -0.68 15.12
N TYR A 74 -1.49 -1.06 15.63
CA TYR A 74 -0.60 -0.17 16.33
C TYR A 74 0.83 -0.64 16.13
N HIS A 75 1.57 0.11 15.32
CA HIS A 75 2.94 -0.24 14.94
C HIS A 75 3.65 0.99 14.43
N GLU A 76 4.97 1.06 14.67
CA GLU A 76 5.77 2.20 14.22
C GLU A 76 5.81 2.34 12.68
N HIS A 77 5.47 1.27 11.93
CA HIS A 77 5.46 1.34 10.45
C HIS A 77 4.06 1.24 9.83
N ILE A 78 3.04 1.58 10.63
CA ILE A 78 1.64 1.61 10.20
C ILE A 78 1.13 2.99 10.55
N ILE A 79 0.44 3.66 9.58
CA ILE A 79 -0.09 5.01 9.79
C ILE A 79 -0.91 5.06 11.08
N LYS A 80 -0.71 6.10 11.87
CA LYS A 80 -1.41 6.21 13.15
C LYS A 80 -2.84 6.71 13.04
N TYR A 81 -3.78 5.88 13.50
CA TYR A 81 -5.19 6.17 13.68
C TYR A 81 -5.30 7.18 14.88
N LYS A 82 -6.05 8.27 14.72
CA LYS A 82 -6.22 9.29 15.77
C LYS A 82 -7.63 9.22 16.34
N GLY A 83 -8.58 8.92 15.48
CA GLY A 83 -9.99 8.82 15.84
C GLY A 83 -10.87 8.91 14.62
N CYS A 84 -12.13 9.27 14.85
CA CYS A 84 -13.16 9.42 13.84
C CYS A 84 -13.94 10.69 14.06
N CYS A 85 -14.51 11.19 12.97
CA CYS A 85 -15.37 12.36 12.94
C CYS A 85 -16.72 11.91 12.35
N GLU A 86 -17.80 12.40 12.92
CA GLU A 86 -19.14 12.11 12.41
C GLU A 86 -19.32 12.92 11.12
N ASP A 87 -19.48 12.23 9.98
CA ASP A 87 -19.69 12.88 8.69
C ASP A 87 -21.19 12.79 8.44
N ALA A 88 -21.94 13.80 8.94
CA ALA A 88 -23.40 13.85 8.85
C ALA A 88 -23.88 13.90 7.40
N GLY A 89 -23.09 14.55 6.55
CA GLY A 89 -23.37 14.69 5.12
C GLY A 89 -23.18 13.41 4.32
N ALA A 90 -22.31 12.49 4.79
CA ALA A 90 -22.00 11.24 4.09
C ALA A 90 -23.08 10.18 3.94
N ALA A 91 -23.73 9.62 4.97
CA ALA A 91 -23.65 9.77 6.42
C ALA A 91 -22.98 8.51 6.95
N SER A 92 -21.73 8.66 7.37
CA SER A 92 -20.90 7.59 7.91
C SER A 92 -19.88 8.23 8.85
N LEU A 93 -18.67 7.68 8.90
CA LEU A 93 -17.61 8.20 9.73
C LEU A 93 -16.46 8.63 8.85
N GLN A 94 -15.79 9.70 9.25
CA GLN A 94 -14.61 10.17 8.58
C GLN A 94 -13.48 9.63 9.43
N LEU A 95 -12.47 9.10 8.77
CA LEU A 95 -11.32 8.49 9.41
C LEU A 95 -10.26 9.56 9.60
N VAL A 96 -9.91 9.84 10.86
CA VAL A 96 -8.90 10.83 11.20
C VAL A 96 -7.61 10.11 11.53
N MET A 97 -6.53 10.46 10.79
CA MET A 97 -5.22 9.88 11.02
C MET A 97 -4.14 10.95 11.07
N GLU A 98 -2.93 10.58 11.52
CA GLU A 98 -1.83 11.53 11.55
C GLU A 98 -1.47 11.96 10.13
N TYR A 99 -1.10 13.23 9.97
CA TYR A 99 -0.67 13.76 8.68
C TYR A 99 0.81 13.57 8.50
N VAL A 100 1.21 12.93 7.39
CA VAL A 100 2.63 12.76 7.08
C VAL A 100 3.00 13.73 5.98
N PRO A 101 3.76 14.79 6.32
CA PRO A 101 4.03 15.87 5.36
C PRO A 101 4.65 15.49 4.04
N LEU A 102 5.55 14.51 4.04
CA LEU A 102 6.24 14.11 2.81
C LEU A 102 5.38 13.31 1.83
N GLY A 103 4.22 12.82 2.27
CA GLY A 103 3.29 12.06 1.44
C GLY A 103 3.78 10.66 1.09
N SER A 104 3.21 10.06 0.03
CA SER A 104 3.55 8.72 -0.39
C SER A 104 4.88 8.71 -1.09
N LEU A 105 5.52 7.54 -1.16
CA LEU A 105 6.74 7.34 -1.92
C LEU A 105 6.51 7.56 -3.40
N ARG A 106 5.27 7.30 -3.88
CA ARG A 106 4.94 7.55 -5.30
C ARG A 106 5.04 9.06 -5.60
N ASP A 107 4.65 9.91 -4.68
CA ASP A 107 4.73 11.35 -4.93
C ASP A 107 6.08 11.95 -4.56
N TYR A 108 6.74 11.38 -3.53
CA TYR A 108 8.01 11.89 -3.04
C TYR A 108 9.23 11.51 -3.90
N LEU A 109 9.39 10.21 -4.22
CA LEU A 109 10.55 9.73 -4.97
C LEU A 109 10.81 10.37 -6.35
N PRO A 110 9.79 10.65 -7.21
CA PRO A 110 10.11 11.27 -8.52
C PRO A 110 10.76 12.66 -8.42
N ARG A 111 10.67 13.28 -7.25
CA ARG A 111 11.19 14.62 -7.00
C ARG A 111 12.41 14.65 -6.05
N HIS A 112 12.79 13.50 -5.46
CA HIS A 112 13.90 13.49 -4.50
C HIS A 112 14.72 12.28 -4.70
N SER A 113 15.94 12.48 -5.20
CA SER A 113 16.92 11.42 -5.46
C SER A 113 17.43 10.95 -4.10
N ILE A 114 16.97 9.79 -3.72
CA ILE A 114 17.28 9.11 -2.46
C ILE A 114 18.28 8.01 -2.79
N GLY A 115 19.31 7.86 -1.96
CA GLY A 115 20.34 6.84 -2.14
C GLY A 115 19.82 5.43 -1.93
N LEU A 116 20.54 4.46 -2.47
CA LEU A 116 20.20 3.04 -2.37
C LEU A 116 20.00 2.55 -0.92
N ALA A 117 20.90 2.93 -0.01
CA ALA A 117 20.84 2.52 1.39
C ALA A 117 19.49 2.90 2.04
N GLN A 118 19.05 4.12 1.77
CA GLN A 118 17.80 4.70 2.29
C GLN A 118 16.62 3.95 1.71
N LEU A 119 16.67 3.60 0.43
CA LEU A 119 15.57 2.84 -0.19
C LEU A 119 15.44 1.45 0.42
N LEU A 120 16.59 0.84 0.76
CA LEU A 120 16.64 -0.49 1.39
C LEU A 120 16.14 -0.40 2.83
N LEU A 121 16.37 0.74 3.48
CA LEU A 121 15.84 0.94 4.82
C LEU A 121 14.33 1.00 4.76
N PHE A 122 13.77 1.77 3.79
CA PHE A 122 12.31 1.85 3.61
C PHE A 122 11.71 0.46 3.38
N ALA A 123 12.38 -0.35 2.53
CA ALA A 123 11.96 -1.72 2.20
C ALA A 123 11.98 -2.60 3.46
N GLN A 124 13.02 -2.48 4.30
CA GLN A 124 13.08 -3.24 5.56
C GLN A 124 11.89 -2.85 6.47
N GLN A 125 11.62 -1.54 6.61
CA GLN A 125 10.53 -0.99 7.43
C GLN A 125 9.15 -1.44 6.89
N ILE A 126 8.99 -1.50 5.56
CA ILE A 126 7.75 -2.00 4.93
C ILE A 126 7.56 -3.48 5.38
N CYS A 127 8.63 -4.30 5.34
CA CYS A 127 8.53 -5.70 5.79
C CYS A 127 8.23 -5.83 7.26
N GLU A 128 8.78 -4.95 8.10
CA GLU A 128 8.47 -5.00 9.54
C GLU A 128 7.00 -4.71 9.80
N GLY A 129 6.46 -3.67 9.13
CA GLY A 129 5.06 -3.28 9.27
C GLY A 129 4.14 -4.36 8.73
N MET A 130 4.56 -4.99 7.62
CA MET A 130 3.80 -6.08 7.00
C MET A 130 3.83 -7.39 7.84
N ALA A 131 4.99 -7.70 8.46
CA ALA A 131 5.08 -8.90 9.31
C ALA A 131 4.12 -8.72 10.51
N TYR A 132 4.08 -7.51 11.07
CA TYR A 132 3.17 -7.21 12.16
C TYR A 132 1.73 -7.41 11.68
N LEU A 133 1.38 -6.85 10.50
CA LEU A 133 0.03 -6.99 9.91
C LEU A 133 -0.36 -8.45 9.75
N HIS A 134 0.54 -9.26 9.17
CA HIS A 134 0.32 -10.69 8.97
C HIS A 134 0.17 -11.46 10.29
N ALA A 135 0.91 -11.07 11.36
CA ALA A 135 0.79 -11.70 12.69
C ALA A 135 -0.56 -11.37 13.33
N GLN A 136 -1.18 -10.24 12.90
CA GLN A 136 -2.50 -9.80 13.38
C GLN A 136 -3.62 -10.52 12.58
N HIS A 137 -3.21 -11.43 11.65
CA HIS A 137 -4.06 -12.22 10.77
C HIS A 137 -4.88 -11.39 9.78
N TYR A 138 -4.23 -10.38 9.15
CA TYR A 138 -4.80 -9.53 8.11
C TYR A 138 -3.90 -9.55 6.87
N ILE A 139 -4.51 -9.38 5.69
CA ILE A 139 -3.83 -9.23 4.40
C ILE A 139 -4.12 -7.80 3.95
N HIS A 140 -3.13 -7.10 3.39
CA HIS A 140 -3.29 -5.72 2.96
C HIS A 140 -4.02 -5.63 1.61
N ARG A 141 -3.58 -6.44 0.61
CA ARG A 141 -4.20 -6.48 -0.73
C ARG A 141 -3.99 -5.26 -1.62
N ASP A 142 -3.27 -4.24 -1.15
CA ASP A 142 -3.01 -3.06 -2.00
C ASP A 142 -1.64 -2.51 -1.66
N LEU A 143 -0.67 -3.40 -1.50
CA LEU A 143 0.68 -2.98 -1.15
C LEU A 143 1.37 -2.42 -2.37
N ALA A 144 1.55 -1.09 -2.40
CA ALA A 144 2.11 -0.36 -3.51
C ALA A 144 2.75 0.92 -2.96
N ALA A 145 3.69 1.51 -3.71
CA ALA A 145 4.37 2.74 -3.28
C ALA A 145 3.40 3.88 -3.01
N ARG A 146 2.26 3.91 -3.72
CA ARG A 146 1.24 4.95 -3.47
C ARG A 146 0.65 4.87 -2.06
N ASN A 147 0.76 3.68 -1.42
CA ASN A 147 0.23 3.42 -0.09
C ASN A 147 1.29 3.35 1.00
N VAL A 148 2.54 3.76 0.69
CA VAL A 148 3.65 3.78 1.64
C VAL A 148 3.96 5.25 1.86
N LEU A 149 3.65 5.74 3.07
CA LEU A 149 3.76 7.13 3.47
C LEU A 149 5.05 7.42 4.18
N LEU A 150 5.66 8.57 3.88
CA LEU A 150 6.94 8.95 4.41
C LEU A 150 6.82 9.99 5.49
N ASP A 151 7.24 9.62 6.71
CA ASP A 151 7.19 10.52 7.86
C ASP A 151 8.37 11.48 7.84
N ASN A 152 9.56 10.94 7.57
CA ASN A 152 10.84 11.66 7.48
C ASN A 152 11.77 10.82 6.62
N ASP A 153 12.89 11.41 6.16
CA ASP A 153 13.90 10.76 5.29
C ASP A 153 14.38 9.37 5.77
N ARG A 154 14.09 9.02 7.04
CA ARG A 154 14.49 7.74 7.63
C ARG A 154 13.30 6.91 8.17
N LEU A 155 12.03 7.30 7.86
CA LEU A 155 10.87 6.60 8.43
C LEU A 155 9.67 6.53 7.51
N VAL A 156 9.22 5.30 7.29
CA VAL A 156 8.11 4.98 6.41
C VAL A 156 6.92 4.34 7.17
N LYS A 157 5.68 4.56 6.70
CA LYS A 157 4.45 4.08 7.32
C LYS A 157 3.48 3.56 6.25
N ILE A 158 2.98 2.33 6.43
CA ILE A 158 1.97 1.75 5.50
C ILE A 158 0.59 2.35 5.82
N GLY A 159 -0.11 2.77 4.80
CA GLY A 159 -1.48 3.24 4.91
C GLY A 159 -2.40 2.49 3.98
N ASP A 160 -3.64 3.00 3.86
CA ASP A 160 -4.68 2.50 2.97
C ASP A 160 -5.05 1.05 3.21
N PHE A 161 -5.94 0.81 4.16
CA PHE A 161 -6.38 -0.54 4.48
C PHE A 161 -7.76 -0.83 3.86
N GLY A 162 -8.08 -0.11 2.79
CA GLY A 162 -9.35 -0.23 2.07
C GLY A 162 -9.70 -1.58 1.51
N LEU A 163 -8.70 -2.42 1.18
CA LEU A 163 -8.88 -3.76 0.62
C LEU A 163 -8.48 -4.83 1.64
N ALA A 164 -8.01 -4.41 2.86
CA ALA A 164 -7.52 -5.33 3.90
C ALA A 164 -8.58 -6.28 4.38
N LYS A 165 -8.18 -7.52 4.65
CA LYS A 165 -9.13 -8.55 5.09
C LYS A 165 -8.52 -9.37 6.19
N ALA A 166 -9.36 -9.85 7.11
CA ALA A 166 -8.96 -10.75 8.18
C ALA A 166 -8.90 -12.15 7.58
N VAL A 167 -7.78 -12.87 7.76
CA VAL A 167 -7.69 -14.24 7.25
C VAL A 167 -8.10 -15.15 8.43
N PRO A 168 -9.25 -15.87 8.36
CA PRO A 168 -9.65 -16.71 9.50
C PRO A 168 -8.56 -17.68 9.92
N GLU A 169 -8.44 -17.93 11.24
CA GLU A 169 -7.44 -18.86 11.76
C GLU A 169 -7.65 -20.26 11.15
N GLY A 170 -6.55 -20.84 10.69
CA GLY A 170 -6.55 -22.14 10.03
C GLY A 170 -6.57 -22.04 8.51
N HIS A 171 -7.01 -20.88 8.00
CA HIS A 171 -7.08 -20.61 6.57
C HIS A 171 -5.79 -19.95 6.09
N GLU A 172 -5.38 -20.29 4.86
CA GLU A 172 -4.15 -19.74 4.27
C GLU A 172 -4.41 -18.60 3.30
N TYR A 173 -5.65 -18.52 2.79
CA TYR A 173 -6.09 -17.50 1.83
C TYR A 173 -7.47 -16.92 2.13
N TYR A 174 -7.81 -15.85 1.41
CA TYR A 174 -9.11 -15.20 1.40
C TYR A 174 -9.54 -15.06 -0.08
N ARG A 175 -10.78 -15.40 -0.42
CA ARG A 175 -11.28 -15.30 -1.79
C ARG A 175 -12.05 -13.99 -2.03
N VAL A 176 -11.66 -13.24 -3.08
CA VAL A 176 -12.36 -12.00 -3.48
C VAL A 176 -12.95 -12.18 -4.89
N ARG A 177 -13.79 -11.24 -5.38
CA ARG A 177 -14.39 -11.40 -6.71
C ARG A 177 -13.75 -10.51 -7.81
N GLU A 178 -14.25 -10.64 -9.06
CA GLU A 178 -13.80 -9.87 -10.23
C GLU A 178 -14.18 -8.39 -10.04
N ASP A 179 -13.16 -7.50 -9.90
CA ASP A 179 -13.36 -6.07 -9.65
C ASP A 179 -12.48 -5.15 -10.51
N GLY A 180 -13.10 -4.09 -11.06
CA GLY A 180 -12.44 -3.10 -11.91
C GLY A 180 -11.33 -2.29 -11.25
N ASP A 181 -11.44 -2.04 -9.93
CA ASP A 181 -10.44 -1.28 -9.18
C ASP A 181 -9.34 -2.13 -8.56
N SER A 182 -9.31 -3.44 -8.88
CA SER A 182 -8.28 -4.35 -8.36
C SER A 182 -6.89 -3.92 -8.88
N PRO A 183 -5.87 -3.73 -8.03
CA PRO A 183 -4.55 -3.34 -8.55
C PRO A 183 -3.84 -4.54 -9.20
N VAL A 184 -4.37 -5.04 -10.34
CA VAL A 184 -3.87 -6.22 -11.03
C VAL A 184 -2.34 -6.29 -11.32
N PHE A 185 -1.71 -5.12 -11.61
CA PHE A 185 -0.27 -4.99 -11.91
C PHE A 185 0.63 -5.18 -10.67
N TRP A 186 0.01 -5.29 -9.49
CA TRP A 186 0.71 -5.56 -8.23
C TRP A 186 0.34 -6.95 -7.71
N TYR A 187 -0.45 -7.71 -8.47
CA TYR A 187 -0.97 -9.00 -8.00
C TYR A 187 -0.30 -10.25 -8.50
N ALA A 188 -0.17 -11.23 -7.58
CA ALA A 188 0.38 -12.54 -7.84
C ALA A 188 -0.52 -13.36 -8.78
N PRO A 189 0.00 -14.37 -9.50
CA PRO A 189 -0.87 -15.15 -10.39
C PRO A 189 -2.03 -15.86 -9.71
N GLU A 190 -1.90 -16.31 -8.44
CA GLU A 190 -3.01 -17.01 -7.77
C GLU A 190 -4.24 -16.07 -7.58
N CYS A 191 -3.99 -14.77 -7.34
CA CYS A 191 -5.00 -13.72 -7.20
C CYS A 191 -5.71 -13.50 -8.57
N LEU A 192 -4.94 -13.50 -9.65
CA LEU A 192 -5.44 -13.19 -10.97
C LEU A 192 -6.27 -14.31 -11.56
N LYS A 193 -5.81 -15.55 -11.37
CA LYS A 193 -6.39 -16.77 -11.94
C LYS A 193 -7.39 -17.47 -11.05
N GLU A 194 -7.18 -17.49 -9.74
CA GLU A 194 -8.06 -18.21 -8.81
C GLU A 194 -8.81 -17.28 -7.87
N TYR A 195 -8.46 -15.97 -7.89
CA TYR A 195 -9.08 -14.93 -7.04
C TYR A 195 -8.86 -15.19 -5.53
N LYS A 196 -7.76 -15.93 -5.21
CA LYS A 196 -7.34 -16.30 -3.87
C LYS A 196 -6.19 -15.42 -3.46
N PHE A 197 -6.30 -14.81 -2.27
CA PHE A 197 -5.28 -13.92 -1.72
C PHE A 197 -4.66 -14.53 -0.45
N TYR A 198 -3.40 -14.97 -0.57
CA TYR A 198 -2.64 -15.60 0.51
C TYR A 198 -1.77 -14.55 1.18
N TYR A 199 -1.20 -14.90 2.34
CA TYR A 199 -0.21 -14.03 2.98
C TYR A 199 0.93 -13.83 1.99
N ALA A 200 1.34 -14.91 1.26
CA ALA A 200 2.37 -14.87 0.21
C ALA A 200 2.01 -13.94 -0.96
N SER A 201 0.70 -13.68 -1.17
CA SER A 201 0.29 -12.77 -2.25
C SER A 201 0.72 -11.33 -1.92
N ASP A 202 0.73 -10.94 -0.62
CA ASP A 202 1.21 -9.61 -0.20
C ASP A 202 2.73 -9.53 -0.45
N VAL A 203 3.44 -10.65 -0.32
CA VAL A 203 4.90 -10.67 -0.53
C VAL A 203 5.20 -10.36 -1.98
N TRP A 204 4.38 -10.93 -2.89
CA TRP A 204 4.50 -10.61 -4.32
C TRP A 204 4.33 -9.10 -4.51
N SER A 205 3.28 -8.50 -3.93
CA SER A 205 3.05 -7.05 -4.06
C SER A 205 4.26 -6.26 -3.48
N PHE A 206 4.87 -6.78 -2.38
CA PHE A 206 6.07 -6.11 -1.84
C PHE A 206 7.21 -6.14 -2.87
N GLY A 207 7.40 -7.25 -3.57
CA GLY A 207 8.41 -7.31 -4.62
C GLY A 207 8.13 -6.21 -5.67
N VAL A 208 6.85 -5.99 -6.02
CA VAL A 208 6.51 -4.94 -7.00
C VAL A 208 6.79 -3.56 -6.39
N THR A 209 6.46 -3.39 -5.10
CA THR A 209 6.73 -2.11 -4.40
C THR A 209 8.24 -1.85 -4.37
N LEU A 210 9.05 -2.91 -4.11
CA LEU A 210 10.49 -2.79 -4.03
C LEU A 210 11.01 -2.33 -5.42
N TYR A 211 10.44 -2.89 -6.51
CA TYR A 211 10.76 -2.48 -7.87
C TYR A 211 10.43 -0.99 -8.08
N GLU A 212 9.26 -0.54 -7.61
CA GLU A 212 8.85 0.89 -7.69
C GLU A 212 9.89 1.79 -6.98
N LEU A 213 10.29 1.42 -5.74
CA LEU A 213 11.29 2.22 -5.02
C LEU A 213 12.61 2.33 -5.76
N LEU A 214 13.13 1.22 -6.31
CA LEU A 214 14.40 1.21 -7.03
C LEU A 214 14.32 1.96 -8.35
N THR A 215 13.10 2.24 -8.86
CA THR A 215 12.94 3.05 -10.07
C THR A 215 12.59 4.49 -9.68
N HIS A 216 12.60 4.84 -8.36
CA HIS A 216 12.21 6.18 -7.85
C HIS A 216 10.79 6.56 -8.31
N CYS A 217 9.92 5.53 -8.43
CA CYS A 217 8.54 5.64 -8.90
C CYS A 217 8.42 6.42 -10.20
N ASP A 218 9.38 6.20 -11.11
CA ASP A 218 9.35 6.88 -12.41
C ASP A 218 8.15 6.33 -13.21
N SER A 219 7.21 7.20 -13.64
CA SER A 219 6.00 6.82 -14.38
C SER A 219 6.28 5.97 -15.61
N SER A 220 7.37 6.30 -16.35
CA SER A 220 7.72 5.59 -17.57
C SER A 220 8.20 4.16 -17.28
N GLN A 221 8.55 3.86 -16.00
CA GLN A 221 9.00 2.55 -15.59
C GLN A 221 8.01 1.84 -14.65
N SER A 222 6.85 2.45 -14.41
CA SER A 222 5.86 1.89 -13.49
C SER A 222 5.36 0.49 -13.93
N PRO A 223 4.89 -0.34 -12.97
CA PRO A 223 4.34 -1.65 -13.34
C PRO A 223 3.23 -1.60 -14.42
N PRO A 224 2.19 -0.71 -14.38
CA PRO A 224 1.23 -0.67 -15.51
C PRO A 224 1.90 -0.34 -16.84
N THR A 225 2.84 0.65 -16.86
CA THR A 225 3.54 1.01 -18.11
C THR A 225 4.29 -0.20 -18.71
N LYS A 226 5.13 -0.86 -17.90
CA LYS A 226 5.94 -2.00 -18.33
C LYS A 226 5.10 -3.19 -18.72
N PHE A 227 4.07 -3.56 -17.90
CA PHE A 227 3.21 -4.69 -18.28
C PHE A 227 2.39 -4.41 -19.52
N LEU A 228 1.90 -3.17 -19.70
CA LEU A 228 1.13 -2.86 -20.90
C LEU A 228 1.99 -2.82 -22.19
N GLU A 229 3.29 -2.49 -22.07
CA GLU A 229 4.21 -2.57 -23.23
C GLU A 229 4.38 -4.04 -23.62
N LEU A 230 4.33 -4.98 -22.64
CA LEU A 230 4.42 -6.43 -22.89
C LEU A 230 3.11 -7.02 -23.42
N ILE A 231 1.97 -6.55 -22.90
CA ILE A 231 0.65 -7.07 -23.24
C ILE A 231 0.10 -6.46 -24.53
N GLY A 232 0.19 -5.15 -24.69
CA GLY A 232 -0.38 -4.49 -25.86
C GLY A 232 -1.68 -3.86 -25.43
N ILE A 233 -2.13 -2.85 -26.15
CA ILE A 233 -3.32 -2.11 -25.74
C ILE A 233 -4.57 -2.40 -26.60
N ALA A 234 -4.48 -3.37 -27.53
CA ALA A 234 -5.63 -3.72 -28.36
C ALA A 234 -6.02 -5.16 -28.07
N GLN A 235 -6.32 -5.46 -26.80
CA GLN A 235 -6.61 -6.83 -26.39
C GLN A 235 -8.03 -7.12 -25.90
N GLY A 236 -8.98 -6.23 -26.21
CA GLY A 236 -10.35 -6.37 -25.73
C GLY A 236 -10.39 -6.50 -24.20
N GLN A 237 -11.17 -7.45 -23.70
CA GLN A 237 -11.26 -7.70 -22.26
C GLN A 237 -10.13 -8.63 -21.80
N MET A 238 -9.05 -8.76 -22.57
CA MET A 238 -7.99 -9.71 -22.24
C MET A 238 -6.69 -9.24 -21.60
N THR A 239 -6.64 -8.01 -21.06
CA THR A 239 -5.38 -7.62 -20.40
C THR A 239 -4.99 -8.49 -19.24
N VAL A 240 -5.95 -8.85 -18.36
CA VAL A 240 -5.63 -9.68 -17.16
C VAL A 240 -5.22 -11.10 -17.58
N LEU A 241 -5.90 -11.66 -18.61
CA LEU A 241 -5.58 -12.98 -19.15
C LEU A 241 -4.13 -13.00 -19.68
N ARG A 242 -3.76 -12.01 -20.52
CA ARG A 242 -2.39 -11.87 -21.09
C ARG A 242 -1.35 -11.63 -19.98
N LEU A 243 -1.75 -10.92 -18.92
CA LEU A 243 -0.89 -10.67 -17.79
C LEU A 243 -0.62 -12.03 -17.09
N THR A 244 -1.69 -12.79 -16.79
CA THR A 244 -1.58 -14.09 -16.11
C THR A 244 -0.65 -15.01 -16.92
N GLU A 245 -0.82 -15.02 -18.25
CA GLU A 245 -0.05 -15.84 -19.20
C GLU A 245 1.42 -15.45 -19.26
N LEU A 246 1.73 -14.14 -19.29
CA LEU A 246 3.14 -13.72 -19.31
C LEU A 246 3.85 -14.08 -17.97
N LEU A 247 3.14 -13.93 -16.85
CA LEU A 247 3.70 -14.23 -15.53
C LEU A 247 3.95 -15.74 -15.41
N GLU A 248 2.98 -16.56 -15.90
CA GLU A 248 3.11 -18.04 -15.91
C GLU A 248 4.26 -18.51 -16.79
N ARG A 249 4.61 -17.77 -17.87
CA ARG A 249 5.78 -18.05 -18.72
C ARG A 249 7.12 -17.62 -18.06
N GLY A 250 7.02 -16.95 -16.90
CA GLY A 250 8.19 -16.54 -16.12
C GLY A 250 8.68 -15.16 -16.44
N GLU A 251 7.94 -14.39 -17.26
CA GLU A 251 8.33 -13.02 -17.58
C GLU A 251 8.08 -12.15 -16.37
N ARG A 252 9.01 -11.23 -16.12
CA ARG A 252 8.94 -10.37 -14.94
C ARG A 252 9.31 -8.96 -15.30
N LEU A 253 9.06 -8.02 -14.38
CA LEU A 253 9.49 -6.64 -14.52
C LEU A 253 11.03 -6.65 -14.59
N PRO A 254 11.65 -5.76 -15.40
CA PRO A 254 13.11 -5.79 -15.52
C PRO A 254 13.84 -5.27 -14.29
N ARG A 255 15.14 -5.49 -14.27
CA ARG A 255 16.04 -5.02 -13.25
C ARG A 255 16.18 -3.49 -13.39
N PRO A 256 15.82 -2.72 -12.34
CA PRO A 256 15.96 -1.26 -12.43
C PRO A 256 17.43 -0.87 -12.57
N ASP A 257 17.68 0.26 -13.25
CA ASP A 257 19.00 0.84 -13.42
C ASP A 257 19.62 1.03 -12.02
N LYS A 258 20.85 0.56 -11.85
CA LYS A 258 21.59 0.71 -10.58
C LYS A 258 21.12 -0.19 -9.43
N CYS A 259 20.11 -1.07 -9.65
CA CYS A 259 19.68 -2.04 -8.65
C CYS A 259 20.78 -3.08 -8.54
N PRO A 260 21.33 -3.38 -7.34
CA PRO A 260 22.34 -4.44 -7.25
C PRO A 260 21.74 -5.79 -7.64
N ALA A 261 22.55 -6.68 -8.24
CA ALA A 261 22.10 -8.00 -8.70
C ALA A 261 21.42 -8.81 -7.60
N GLU A 262 21.97 -8.83 -6.37
CA GLU A 262 21.39 -9.58 -5.25
C GLU A 262 20.01 -9.07 -4.88
N VAL A 263 19.81 -7.76 -4.97
CA VAL A 263 18.53 -7.10 -4.68
C VAL A 263 17.51 -7.50 -5.73
N TYR A 264 17.92 -7.58 -7.00
CA TYR A 264 17.03 -8.05 -8.06
C TYR A 264 16.69 -9.52 -7.86
N HIS A 265 17.66 -10.34 -7.39
CA HIS A 265 17.40 -11.76 -7.10
C HIS A 265 16.39 -11.89 -5.95
N LEU A 266 16.47 -11.00 -4.96
CA LEU A 266 15.55 -10.96 -3.82
C LEU A 266 14.17 -10.65 -4.35
N MET A 267 14.06 -9.65 -5.26
CA MET A 267 12.84 -9.22 -5.93
C MET A 267 12.23 -10.39 -6.66
N LYS A 268 13.04 -11.11 -7.47
CA LYS A 268 12.60 -12.28 -8.22
C LYS A 268 12.08 -13.39 -7.32
N ASN A 269 12.63 -13.53 -6.09
CA ASN A 269 12.21 -14.55 -5.12
C ASN A 269 10.82 -14.22 -4.51
N CYS A 270 10.53 -12.93 -4.37
CA CYS A 270 9.22 -12.41 -3.97
C CYS A 270 8.22 -12.67 -5.12
N TRP A 271 8.73 -12.75 -6.35
CA TRP A 271 7.94 -13.05 -7.54
C TRP A 271 7.95 -14.53 -7.96
N GLU A 272 8.20 -15.46 -7.03
CA GLU A 272 8.09 -16.88 -7.43
C GLU A 272 6.64 -17.16 -7.84
N THR A 273 6.42 -17.88 -8.95
CA THR A 273 5.08 -18.27 -9.36
C THR A 273 4.43 -19.12 -8.24
N GLU A 274 5.18 -20.12 -7.68
CA GLU A 274 4.67 -20.96 -6.59
C GLU A 274 4.72 -20.14 -5.31
N ALA A 275 3.54 -19.76 -4.77
CA ALA A 275 3.40 -18.95 -3.56
C ALA A 275 4.22 -19.42 -2.33
N SER A 276 4.39 -20.74 -2.15
CA SER A 276 5.16 -21.31 -1.04
C SER A 276 6.67 -21.18 -1.24
N PHE A 277 7.14 -20.89 -2.50
CA PHE A 277 8.57 -20.72 -2.71
C PHE A 277 9.02 -19.27 -2.34
N ARG A 278 8.05 -18.37 -2.10
CA ARG A 278 8.31 -16.96 -1.73
C ARG A 278 8.70 -16.85 -0.24
N PRO A 279 9.58 -15.91 0.13
CA PRO A 279 9.89 -15.76 1.56
C PRO A 279 8.70 -15.07 2.25
N THR A 280 8.55 -15.27 3.56
CA THR A 280 7.47 -14.58 4.28
C THR A 280 8.06 -13.21 4.70
N PHE A 281 7.23 -12.30 5.23
CA PHE A 281 7.80 -11.01 5.65
C PHE A 281 8.75 -11.22 6.80
N GLU A 282 8.46 -12.21 7.66
CA GLU A 282 9.36 -12.54 8.77
C GLU A 282 10.74 -12.98 8.26
N ASN A 283 10.80 -13.74 7.13
CA ASN A 283 12.09 -14.14 6.59
C ASN A 283 12.83 -12.95 5.98
N LEU A 284 12.10 -11.98 5.47
CA LEU A 284 12.68 -10.84 4.76
C LEU A 284 13.38 -9.86 5.69
N ILE A 285 12.90 -9.74 6.90
CA ILE A 285 13.46 -8.78 7.84
C ILE A 285 14.96 -8.93 8.08
N PRO A 286 15.47 -10.08 8.50
CA PRO A 286 16.94 -10.14 8.68
C PRO A 286 17.73 -9.97 7.39
N ILE A 287 17.17 -10.43 6.25
CA ILE A 287 17.78 -10.31 4.93
C ILE A 287 17.93 -8.82 4.58
N LEU A 288 16.84 -8.06 4.66
CA LEU A 288 16.89 -6.62 4.34
C LEU A 288 17.76 -5.83 5.33
N LYS A 289 17.81 -6.25 6.61
CA LYS A 289 18.68 -5.61 7.61
C LYS A 289 20.13 -5.77 7.17
N THR A 290 20.50 -7.00 6.72
CA THR A 290 21.84 -7.33 6.26
C THR A 290 22.24 -6.57 4.98
N VAL A 291 21.33 -6.50 3.99
CA VAL A 291 21.51 -5.81 2.71
C VAL A 291 21.63 -4.27 2.92
N HIS A 292 20.80 -3.70 3.81
CA HIS A 292 20.89 -2.28 4.11
C HIS A 292 22.25 -1.96 4.75
N GLU A 293 22.69 -2.82 5.68
CA GLU A 293 23.96 -2.68 6.39
C GLU A 293 25.12 -2.69 5.38
N LYS A 294 25.09 -3.62 4.40
CA LYS A 294 26.08 -3.72 3.32
C LYS A 294 26.19 -2.39 2.54
N TYR A 295 25.04 -1.86 2.09
CA TYR A 295 24.96 -0.64 1.27
C TYR A 295 25.08 0.71 1.99
N ARG A 296 24.87 0.76 3.31
CA ARG A 296 24.99 2.01 4.06
C ARG A 296 26.47 2.45 4.17
N HIS A 297 26.71 3.75 4.36
CA HIS A 297 28.05 4.33 4.50
C HIS A 297 28.05 5.61 5.34
PB ADP B . -7.25 5.40 -1.59
O1B ADP B . -7.90 4.21 -0.94
O2B ADP B . -8.25 6.20 -2.40
O3B ADP B . -6.06 4.94 -2.50
PA ADP B . -5.36 6.43 0.40
O1A ADP B . -5.61 6.08 1.82
O2A ADP B . -4.31 5.49 -0.23
O3A ADP B . -6.73 6.36 -0.42
O5' ADP B . -4.86 7.91 0.26
C5' ADP B . -4.71 8.47 -1.06
C4' ADP B . -3.47 9.32 -1.08
O4' ADP B . -3.62 10.38 -0.11
C3' ADP B . -2.16 8.63 -0.71
O3' ADP B . -1.57 7.91 -1.79
C2' ADP B . -1.31 9.83 -0.27
O2' ADP B . -0.87 10.56 -1.42
C1' ADP B . -2.36 10.66 0.48
N9 ADP B . -2.45 10.39 1.91
C8 ADP B . -3.17 9.40 2.54
N7 ADP B . -3.03 9.36 3.83
C5 ADP B . -2.15 10.41 4.10
C6 ADP B . -1.60 10.91 5.30
N6 ADP B . -1.84 10.37 6.51
N1 ADP B . -0.78 11.98 5.22
C2 ADP B . -0.52 12.50 4.01
N3 ADP B . -0.96 12.10 2.81
C4 ADP B . -1.79 11.06 2.93
H8 ADP B . -3.78 8.67 2.02
HN61 ADP B . -2.46 9.57 6.61
HN62 ADP B . -1.40 10.76 7.33
H2 ADP B . 0.13 13.38 4.01
MG MG C . -7.24 2.16 -1.08
MG MG D . -4.28 4.19 -1.74
#